data_9G7M
#
_entry.id   9G7M
#
_cell.length_a   141.797
_cell.length_b   141.797
_cell.length_c   202.661
_cell.angle_alpha   90.000
_cell.angle_beta   90.000
_cell.angle_gamma   120.000
#
_symmetry.space_group_name_H-M   'P 62 2 2'
#
loop_
_entity.id
_entity.type
_entity.pdbx_description
1 polymer 'Exotoxin A-like protein'
2 non-polymer 'CALCIUM ION'
3 water water
#
_entity_poly.entity_id   1
_entity_poly.type   'polypeptide(L)'
_entity_poly.pdbx_seq_one_letter_code
;GIEGNFRLWDDCSSYCLVYAAPHKIYQTPLATQAVPDSPGKEGVLHYSMVMKDYVGNGQVLALRLDDFATVFVEQESLRL
SLLGSDGKPRNFQYARQGAKHWSLNWLVPVGDDAPTSIKVFFKNLDGQNNILSISPLYSVEVDDKTLARWPALATFSVTQ
ENVTQGQGLLGIRRAGVSYVAAPVNHDRHKRWSEWHSGKLLCLLDPLDAIYNYVSQNRCSLGETWEGAIYQTLAGRPVDK
YAPPASKPVISQRIHFAKGNALEALTSHRVCGIPLESLARRRKPRGWEEWSSCGNPAANFVALYIATRLPFDQFRQVIHN
LVHGQAVAAPDPVPLDALRTAVIEQPELARQSIAQAADIFRNYQAANPGASAAAAQQADVLAVTCPADARPCGSGASSGV
LVQRENPTGAHFLNDGELPSFTVQGTQNWNLNRLQAAHLRLQVQGYVFAGYHGTSLEGAQSIVFGGIHNRQQDLEEIWRG
LYVAGDPALAYGYAQDAEGDERGRIRNGTMLRVYVPRSALPRLFATSLPLDHPGASQEVARLIGHPLPLLYESITGPEAA
GGNRLATILGWQLAEQAVAIPSMIPTNSRTVGNPLDPATVTLEEKQISSLPGYATKPAKDDKTEL
;
_entity_poly.pdbx_strand_id   A
#
loop_
_chem_comp.id
_chem_comp.type
_chem_comp.name
_chem_comp.formula
CA non-polymer 'CALCIUM ION' 'Ca 2'
#
# COMPACT_ATOMS: atom_id res chain seq x y z
N GLY A 1 26.34 -33.85 -12.98
CA GLY A 1 24.88 -33.88 -12.81
C GLY A 1 24.46 -34.50 -11.48
N ILE A 2 23.26 -34.13 -11.01
CA ILE A 2 22.75 -34.58 -9.72
C ILE A 2 21.69 -35.64 -9.95
N GLU A 3 21.90 -36.85 -9.41
CA GLU A 3 20.98 -37.96 -9.55
C GLU A 3 20.58 -38.51 -8.18
N GLY A 4 20.81 -37.71 -7.14
CA GLY A 4 20.55 -38.09 -5.76
C GLY A 4 20.61 -36.83 -4.90
N ASN A 5 20.77 -36.98 -3.58
CA ASN A 5 20.89 -35.82 -2.71
C ASN A 5 22.14 -35.04 -3.11
N PHE A 6 22.21 -33.77 -2.69
CA PHE A 6 23.27 -32.88 -3.13
C PHE A 6 23.49 -31.77 -2.10
N ARG A 7 24.40 -30.85 -2.42
CA ARG A 7 24.58 -29.64 -1.63
C ARG A 7 24.47 -28.45 -2.58
N LEU A 8 23.42 -27.65 -2.39
CA LEU A 8 23.04 -26.60 -3.34
C LEU A 8 24.17 -25.58 -3.49
N TRP A 9 24.70 -25.09 -2.36
CA TRP A 9 25.68 -24.01 -2.40
C TRP A 9 26.96 -24.51 -3.07
N ASP A 10 27.37 -25.74 -2.75
CA ASP A 10 28.59 -26.30 -3.28
C ASP A 10 28.45 -26.55 -4.79
N ASP A 11 27.34 -27.19 -5.18
CA ASP A 11 27.20 -27.87 -6.46
C ASP A 11 26.62 -26.93 -7.53
N CYS A 12 25.73 -26.02 -7.11
CA CYS A 12 24.89 -25.27 -8.02
C CYS A 12 25.16 -23.77 -7.92
N SER A 13 26.28 -23.42 -7.25
CA SER A 13 26.70 -22.05 -7.08
C SER A 13 27.03 -21.38 -8.41
N SER A 14 27.52 -22.16 -9.39
CA SER A 14 27.74 -21.68 -10.72
C SER A 14 26.77 -22.35 -11.69
N TYR A 15 26.80 -23.70 -11.69
CA TYR A 15 25.89 -24.47 -12.52
C TYR A 15 25.84 -25.91 -12.02
N CYS A 16 24.64 -26.49 -12.03
CA CYS A 16 24.43 -27.90 -11.81
C CYS A 16 23.18 -28.32 -12.57
N LEU A 17 23.15 -29.56 -13.06
CA LEU A 17 22.03 -30.05 -13.83
C LEU A 17 21.41 -31.23 -13.09
N VAL A 18 20.17 -31.04 -12.63
CA VAL A 18 19.46 -32.09 -11.89
C VAL A 18 18.71 -32.98 -12.88
N TYR A 19 18.94 -34.29 -12.80
CA TYR A 19 18.22 -35.27 -13.59
C TYR A 19 16.99 -35.69 -12.78
N ALA A 20 15.95 -34.86 -12.82
CA ALA A 20 14.73 -35.10 -12.07
C ALA A 20 14.16 -36.46 -12.43
N ALA A 21 14.00 -37.30 -11.40
CA ALA A 21 13.32 -38.58 -11.52
C ALA A 21 12.06 -38.54 -10.66
N PRO A 22 10.94 -39.11 -11.13
CA PRO A 22 9.83 -39.46 -10.23
C PRO A 22 10.32 -40.57 -9.30
N HIS A 23 9.64 -40.73 -8.16
CA HIS A 23 9.94 -41.80 -7.22
C HIS A 23 11.25 -41.53 -6.47
N LYS A 24 11.85 -40.35 -6.69
CA LYS A 24 13.08 -39.97 -6.00
C LYS A 24 13.04 -38.47 -5.67
N ILE A 25 13.27 -38.17 -4.39
CA ILE A 25 13.37 -36.81 -3.90
C ILE A 25 14.85 -36.53 -3.64
N TYR A 26 15.42 -35.64 -4.45
CA TYR A 26 16.79 -35.19 -4.27
C TYR A 26 16.77 -34.03 -3.28
N GLN A 27 17.35 -34.24 -2.10
CA GLN A 27 17.29 -33.26 -1.03
C GLN A 27 18.65 -32.59 -0.84
N THR A 28 18.63 -31.36 -0.30
CA THR A 28 19.84 -30.64 0.06
C THR A 28 19.62 -29.87 1.36
N PRO A 29 20.68 -29.65 2.18
CA PRO A 29 20.62 -28.67 3.26
C PRO A 29 20.63 -27.24 2.69
N LEU A 30 20.28 -26.28 3.55
CA LEU A 30 20.34 -24.86 3.20
C LEU A 30 21.18 -24.11 4.22
N ALA A 31 21.96 -24.83 5.04
CA ALA A 31 22.69 -24.24 6.14
C ALA A 31 23.82 -23.36 5.61
N THR A 32 24.24 -22.39 6.43
CA THR A 32 25.27 -21.42 6.07
C THR A 32 26.19 -21.20 7.27
N LYS A 41 20.86 -11.86 15.48
CA LYS A 41 19.99 -10.66 15.70
C LYS A 41 19.00 -10.57 14.54
N GLU A 42 18.67 -9.34 14.10
CA GLU A 42 17.53 -9.11 13.23
C GLU A 42 17.98 -8.81 11.80
N GLY A 43 17.31 -9.44 10.82
CA GLY A 43 17.58 -9.19 9.41
C GLY A 43 16.79 -10.10 8.47
N VAL A 44 17.08 -9.97 7.18
CA VAL A 44 16.38 -10.69 6.12
C VAL A 44 17.38 -11.58 5.38
N LEU A 45 16.97 -12.84 5.14
CA LEU A 45 17.68 -13.74 4.25
C LEU A 45 16.97 -13.77 2.90
N HIS A 46 17.75 -13.63 1.81
CA HIS A 46 17.20 -13.72 0.46
C HIS A 46 17.84 -14.91 -0.25
N TYR A 47 17.09 -16.01 -0.33
CA TYR A 47 17.49 -17.19 -1.06
C TYR A 47 17.17 -16.99 -2.54
N SER A 48 18.15 -17.25 -3.42
CA SER A 48 17.99 -16.95 -4.84
C SER A 48 18.67 -18.02 -5.68
N MET A 49 18.08 -18.34 -6.83
CA MET A 49 18.75 -19.17 -7.82
C MET A 49 18.06 -19.00 -9.18
N VAL A 50 18.84 -19.14 -10.25
CA VAL A 50 18.34 -18.96 -11.60
C VAL A 50 18.13 -20.35 -12.22
N MET A 51 16.96 -20.54 -12.85
CA MET A 51 16.53 -21.85 -13.29
C MET A 51 16.37 -21.83 -14.80
N LYS A 52 16.89 -22.88 -15.47
CA LYS A 52 16.38 -23.28 -16.76
C LYS A 52 15.99 -24.75 -16.68
N ASP A 53 14.71 -25.01 -16.95
CA ASP A 53 14.13 -26.34 -16.80
C ASP A 53 13.85 -26.91 -18.18
N TYR A 54 13.77 -28.24 -18.25
CA TYR A 54 13.22 -28.90 -19.43
C TYR A 54 12.12 -29.86 -18.97
N VAL A 55 10.90 -29.58 -19.44
CA VAL A 55 9.72 -30.36 -19.11
C VAL A 55 8.93 -30.55 -20.41
N GLY A 56 9.66 -30.95 -21.45
CA GLY A 56 9.14 -30.97 -22.82
C GLY A 56 8.18 -32.13 -23.06
N ASN A 57 8.20 -33.15 -22.20
CA ASN A 57 7.27 -34.26 -22.31
C ASN A 57 6.11 -34.08 -21.32
N GLY A 58 5.85 -32.83 -20.91
CA GLY A 58 4.77 -32.55 -19.97
C GLY A 58 5.09 -32.97 -18.53
N GLN A 59 6.38 -33.14 -18.22
CA GLN A 59 6.78 -33.39 -16.84
C GLN A 59 6.35 -32.20 -15.98
N VAL A 60 6.17 -32.46 -14.68
CA VAL A 60 5.94 -31.40 -13.73
C VAL A 60 6.92 -31.60 -12.57
N LEU A 61 7.74 -30.58 -12.32
CA LEU A 61 8.77 -30.68 -11.28
C LEU A 61 8.20 -30.11 -10.00
N ALA A 62 8.65 -30.66 -8.85
CA ALA A 62 8.19 -30.22 -7.54
C ALA A 62 9.38 -29.84 -6.68
N LEU A 63 9.45 -28.57 -6.30
CA LEU A 63 10.54 -28.06 -5.48
C LEU A 63 10.01 -27.73 -4.09
N ARG A 64 10.42 -28.51 -3.09
CA ARG A 64 9.94 -28.31 -1.74
C ARG A 64 10.81 -27.25 -1.07
N LEU A 65 10.19 -26.12 -0.72
CA LEU A 65 10.85 -25.10 0.08
C LEU A 65 10.68 -25.44 1.55
N ASP A 66 11.60 -26.25 2.07
CA ASP A 66 11.58 -26.69 3.46
C ASP A 66 10.20 -27.27 3.77
N ASP A 67 9.47 -26.69 4.75
CA ASP A 67 8.21 -27.26 5.20
C ASP A 67 7.02 -26.34 4.89
N PHE A 68 7.25 -25.22 4.19
CA PHE A 68 6.28 -24.14 4.15
C PHE A 68 5.69 -23.91 2.75
N ALA A 69 6.28 -24.48 1.69
CA ALA A 69 5.76 -24.29 0.34
C ALA A 69 6.24 -25.36 -0.63
N THR A 70 5.60 -25.39 -1.80
CA THR A 70 5.99 -26.26 -2.90
C THR A 70 5.79 -25.51 -4.21
N VAL A 71 6.84 -25.51 -5.05
CA VAL A 71 6.81 -24.89 -6.35
C VAL A 71 6.65 -25.99 -7.40
N PHE A 72 5.65 -25.86 -8.27
CA PHE A 72 5.45 -26.81 -9.36
C PHE A 72 5.84 -26.14 -10.66
N VAL A 73 6.72 -26.81 -11.42
CA VAL A 73 7.25 -26.25 -12.65
C VAL A 73 6.61 -27.00 -13.82
N GLU A 74 5.69 -26.32 -14.50
CA GLU A 74 5.10 -26.81 -15.73
C GLU A 74 5.65 -25.98 -16.87
N GLN A 75 5.36 -26.39 -18.11
CA GLN A 75 6.02 -25.80 -19.26
C GLN A 75 5.57 -24.36 -19.43
N GLU A 76 4.33 -24.02 -19.03
CA GLU A 76 3.78 -22.69 -19.30
C GLU A 76 3.44 -21.93 -18.01
N SER A 77 3.69 -22.51 -16.83
CA SER A 77 3.35 -21.83 -15.59
C SER A 77 4.26 -22.29 -14.44
N LEU A 78 4.53 -21.34 -13.53
CA LEU A 78 5.12 -21.63 -12.22
C LEU A 78 4.02 -21.54 -11.17
N ARG A 79 3.70 -22.67 -10.53
CA ARG A 79 2.64 -22.72 -9.53
C ARG A 79 3.24 -22.83 -8.13
N LEU A 80 2.79 -21.95 -7.22
CA LEU A 80 3.18 -22.01 -5.81
C LEU A 80 2.02 -22.58 -5.00
N SER A 81 2.34 -23.45 -4.03
CA SER A 81 1.35 -24.06 -3.17
C SER A 81 1.79 -23.94 -1.71
N LEU A 82 0.96 -23.25 -0.91
CA LEU A 82 1.37 -22.77 0.41
C LEU A 82 0.72 -23.56 1.53
N LEU A 83 1.45 -23.63 2.66
CA LEU A 83 1.02 -24.29 3.88
C LEU A 83 1.54 -23.49 5.06
N GLY A 84 0.67 -22.66 5.64
CA GLY A 84 1.04 -21.82 6.77
C GLY A 84 0.88 -22.59 8.09
N SER A 85 0.35 -21.88 9.09
CA SER A 85 -0.11 -22.50 10.32
C SER A 85 -1.62 -22.77 10.26
N ASP A 86 -2.30 -22.17 9.28
CA ASP A 86 -3.72 -22.36 9.09
C ASP A 86 -4.02 -23.82 8.71
N GLY A 87 -3.04 -24.48 8.07
CA GLY A 87 -3.18 -25.86 7.66
C GLY A 87 -3.75 -26.00 6.25
N LYS A 88 -4.66 -25.09 5.88
CA LYS A 88 -5.38 -25.17 4.62
C LYS A 88 -4.46 -24.84 3.44
N PRO A 89 -4.70 -25.43 2.25
CA PRO A 89 -3.82 -25.23 1.09
C PRO A 89 -4.26 -24.04 0.23
N ARG A 90 -3.32 -23.16 -0.11
CA ARG A 90 -3.59 -22.01 -0.96
C ARG A 90 -2.67 -22.04 -2.17
N ASN A 91 -3.27 -22.01 -3.37
CA ASN A 91 -2.53 -22.23 -4.61
C ASN A 91 -2.54 -20.97 -5.47
N PHE A 92 -1.46 -20.79 -6.23
CA PHE A 92 -1.33 -19.67 -7.14
C PHE A 92 -0.65 -20.11 -8.43
N GLN A 93 -0.81 -19.30 -9.48
CA GLN A 93 -0.29 -19.63 -10.79
C GLN A 93 0.36 -18.37 -11.36
N TYR A 94 1.60 -18.50 -11.84
CA TYR A 94 2.29 -17.44 -12.55
C TYR A 94 2.59 -17.91 -13.96
N ALA A 95 2.19 -17.11 -14.96
CA ALA A 95 2.38 -17.48 -16.35
C ALA A 95 3.79 -17.12 -16.79
N ARG A 96 4.42 -18.04 -17.51
CA ARG A 96 5.78 -17.85 -17.99
C ARG A 96 5.76 -17.14 -19.33
N GLN A 97 4.70 -17.41 -20.10
CA GLN A 97 4.49 -16.80 -21.42
C GLN A 97 5.71 -17.05 -22.30
N GLY A 98 6.04 -18.33 -22.50
CA GLY A 98 7.03 -18.73 -23.48
C GLY A 98 8.47 -18.60 -23.00
N ALA A 99 8.68 -17.92 -21.87
CA ALA A 99 10.01 -17.75 -21.29
C ALA A 99 10.55 -19.11 -20.86
N LYS A 100 11.85 -19.33 -21.10
CA LYS A 100 12.50 -20.60 -20.85
C LYS A 100 13.34 -20.53 -19.58
N HIS A 101 13.63 -19.32 -19.11
CA HIS A 101 14.41 -19.15 -17.90
C HIS A 101 13.53 -18.52 -16.82
N TRP A 102 13.96 -18.65 -15.57
CA TRP A 102 13.25 -18.02 -14.47
C TRP A 102 14.08 -18.09 -13.19
N SER A 103 13.88 -17.10 -12.33
CA SER A 103 14.50 -17.05 -11.02
C SER A 103 13.51 -17.51 -9.95
N LEU A 104 14.00 -18.33 -9.00
CA LEU A 104 13.24 -18.68 -7.81
C LEU A 104 13.84 -17.90 -6.64
N ASN A 105 12.99 -17.16 -5.93
CA ASN A 105 13.40 -16.38 -4.77
C ASN A 105 12.45 -16.63 -3.61
N TRP A 106 12.97 -16.52 -2.39
CA TRP A 106 12.13 -16.39 -1.22
C TRP A 106 12.88 -15.67 -0.11
N LEU A 107 12.14 -14.91 0.71
CA LEU A 107 12.70 -14.03 1.72
C LEU A 107 12.26 -14.51 3.10
N VAL A 108 13.21 -14.91 3.94
CA VAL A 108 12.92 -15.34 5.30
C VAL A 108 13.43 -14.30 6.29
N PRO A 109 12.57 -13.81 7.22
CA PRO A 109 13.00 -12.92 8.30
C PRO A 109 13.55 -13.67 9.51
N VAL A 110 14.64 -13.12 10.08
CA VAL A 110 15.26 -13.68 11.28
C VAL A 110 15.34 -12.58 12.34
N GLY A 111 15.14 -12.98 13.60
CA GLY A 111 15.13 -12.05 14.73
C GLY A 111 14.37 -12.63 15.92
N ASP A 112 14.33 -11.85 17.02
CA ASP A 112 13.52 -12.20 18.17
C ASP A 112 12.12 -11.60 18.01
N ASP A 113 12.05 -10.41 17.40
CA ASP A 113 10.79 -9.73 17.19
C ASP A 113 10.68 -9.33 15.72
N ALA A 114 11.09 -10.25 14.84
CA ALA A 114 10.98 -10.06 13.39
C ALA A 114 9.62 -10.57 12.93
N PRO A 115 9.16 -10.21 11.70
CA PRO A 115 7.85 -10.65 11.20
C PRO A 115 7.71 -12.16 11.08
N THR A 116 6.46 -12.61 10.90
CA THR A 116 6.13 -14.04 10.98
C THR A 116 5.66 -14.55 9.61
N SER A 117 5.95 -13.80 8.54
CA SER A 117 5.62 -14.22 7.19
C SER A 117 6.90 -14.39 6.37
N ILE A 118 6.90 -15.38 5.47
CA ILE A 118 7.93 -15.57 4.47
C ILE A 118 7.38 -15.13 3.12
N LYS A 119 8.26 -14.68 2.22
CA LYS A 119 7.87 -14.25 0.88
C LYS A 119 8.47 -15.19 -0.16
N VAL A 120 7.77 -15.34 -1.29
CA VAL A 120 8.19 -16.21 -2.36
C VAL A 120 7.81 -15.54 -3.67
N PHE A 121 8.80 -15.30 -4.54
CA PHE A 121 8.50 -14.72 -5.85
C PHE A 121 9.39 -15.33 -6.94
N PHE A 122 8.82 -15.36 -8.16
CA PHE A 122 9.49 -15.80 -9.36
C PHE A 122 9.69 -14.62 -10.30
N LYS A 123 10.81 -14.63 -11.05
CA LYS A 123 11.03 -13.72 -12.16
C LYS A 123 11.15 -14.52 -13.44
N ASN A 124 10.37 -14.15 -14.47
CA ASN A 124 10.59 -14.66 -15.81
C ASN A 124 11.81 -13.95 -16.41
N LEU A 125 12.69 -14.72 -17.06
CA LEU A 125 13.93 -14.21 -17.62
C LEU A 125 14.08 -14.63 -19.09
N ASP A 126 14.87 -13.86 -19.84
CA ASP A 126 15.34 -14.28 -21.15
C ASP A 126 16.61 -15.11 -20.95
N GLY A 127 17.22 -15.54 -22.07
CA GLY A 127 18.45 -16.30 -22.04
C GLY A 127 19.58 -15.57 -21.32
N GLN A 128 19.54 -14.24 -21.38
CA GLN A 128 20.66 -13.39 -20.95
C GLN A 128 20.34 -12.75 -19.59
N ASN A 129 19.52 -13.41 -18.78
CA ASN A 129 19.24 -13.01 -17.40
C ASN A 129 18.65 -11.60 -17.33
N ASN A 130 17.73 -11.27 -18.25
CA ASN A 130 17.05 -9.98 -18.19
C ASN A 130 15.60 -10.21 -17.78
N ILE A 131 15.13 -9.40 -16.83
CA ILE A 131 13.79 -9.53 -16.30
C ILE A 131 12.77 -9.21 -17.39
N LEU A 132 11.81 -10.11 -17.57
CA LEU A 132 10.71 -9.94 -18.50
C LEU A 132 9.44 -9.58 -17.73
N SER A 133 9.32 -10.12 -16.50
CA SER A 133 8.21 -9.82 -15.62
C SER A 133 8.56 -10.29 -14.20
N ILE A 134 7.70 -9.96 -13.24
CA ILE A 134 7.86 -10.41 -11.86
C ILE A 134 6.50 -10.85 -11.34
N SER A 135 6.50 -11.91 -10.53
CA SER A 135 5.28 -12.42 -9.92
C SER A 135 4.93 -11.53 -8.73
N PRO A 136 3.70 -11.63 -8.18
CA PRO A 136 3.43 -11.04 -6.88
C PRO A 136 4.39 -11.69 -5.88
N LEU A 137 4.81 -10.93 -4.86
CA LEU A 137 5.47 -11.54 -3.72
C LEU A 137 4.38 -12.24 -2.90
N TYR A 138 4.29 -13.55 -3.07
CA TYR A 138 3.35 -14.37 -2.32
C TYR A 138 3.83 -14.42 -0.87
N SER A 139 3.01 -13.89 0.04
CA SER A 139 3.31 -13.91 1.47
C SER A 139 2.59 -15.07 2.14
N VAL A 140 3.29 -15.75 3.05
CA VAL A 140 2.78 -16.91 3.77
C VAL A 140 3.14 -16.81 5.25
N GLU A 141 2.11 -16.71 6.11
CA GLU A 141 2.30 -16.64 7.55
C GLU A 141 2.66 -18.05 8.04
N VAL A 142 3.66 -18.17 8.92
CA VAL A 142 4.17 -19.46 9.35
C VAL A 142 4.34 -19.46 10.86
N ASP A 143 4.38 -20.66 11.46
CA ASP A 143 4.47 -20.83 12.91
C ASP A 143 5.90 -20.59 13.37
N ASP A 144 6.11 -20.62 14.69
CA ASP A 144 7.41 -20.34 15.29
C ASP A 144 8.35 -21.53 15.18
N LYS A 145 7.79 -22.74 15.02
CA LYS A 145 8.57 -23.93 14.75
C LYS A 145 9.25 -23.76 13.39
N THR A 146 8.46 -23.35 12.41
CA THR A 146 8.93 -23.13 11.04
C THR A 146 9.94 -21.98 11.01
N LEU A 147 9.69 -20.91 11.78
CA LEU A 147 10.56 -19.75 11.79
C LEU A 147 11.91 -20.06 12.42
N ALA A 148 11.93 -20.99 13.38
CA ALA A 148 13.15 -21.35 14.11
C ALA A 148 14.06 -22.18 13.22
N ARG A 149 13.48 -22.74 12.16
CA ARG A 149 14.13 -23.75 11.35
C ARG A 149 15.14 -23.10 10.40
N TRP A 150 15.08 -21.77 10.29
CA TRP A 150 16.01 -21.01 9.44
C TRP A 150 17.07 -20.34 10.30
N PRO A 151 18.32 -20.18 9.82
CA PRO A 151 18.75 -20.64 8.50
C PRO A 151 19.37 -22.03 8.45
N ALA A 152 19.35 -22.74 9.59
CA ALA A 152 20.29 -23.81 9.87
C ALA A 152 19.69 -25.18 9.59
N LEU A 153 18.39 -25.35 9.78
CA LEU A 153 17.77 -26.67 9.68
C LEU A 153 17.02 -26.85 8.36
N ALA A 154 16.78 -25.75 7.63
CA ALA A 154 15.94 -25.77 6.44
C ALA A 154 16.58 -26.62 5.35
N THR A 155 15.73 -27.27 4.52
CA THR A 155 16.19 -28.04 3.38
C THR A 155 15.40 -27.64 2.13
N PHE A 156 15.99 -27.94 0.96
CA PHE A 156 15.37 -27.78 -0.35
C PHE A 156 15.37 -29.15 -1.01
N SER A 157 14.48 -29.39 -1.98
CA SER A 157 14.47 -30.67 -2.67
C SER A 157 13.75 -30.58 -4.01
N VAL A 158 14.11 -31.50 -4.91
CA VAL A 158 13.63 -31.50 -6.28
C VAL A 158 13.03 -32.87 -6.58
N THR A 159 11.94 -32.91 -7.35
CA THR A 159 11.37 -34.17 -7.78
C THR A 159 10.45 -33.92 -8.97
N GLN A 160 10.00 -35.03 -9.57
CA GLN A 160 9.03 -35.00 -10.65
C GLN A 160 7.74 -35.63 -10.14
N GLU A 161 6.61 -34.92 -10.26
CA GLU A 161 5.34 -35.37 -9.73
C GLU A 161 4.77 -36.51 -10.57
N ASN A 162 4.82 -36.35 -11.90
CA ASN A 162 4.21 -37.28 -12.84
C ASN A 162 5.27 -38.17 -13.46
N VAL A 163 4.83 -39.34 -13.92
CA VAL A 163 5.65 -40.23 -14.73
C VAL A 163 5.34 -39.96 -16.20
N THR A 164 6.34 -39.49 -16.94
CA THR A 164 6.25 -39.34 -18.38
C THR A 164 7.46 -40.00 -19.01
N GLN A 165 7.44 -40.10 -20.34
CA GLN A 165 8.64 -40.46 -21.08
C GLN A 165 9.49 -39.20 -21.23
N GLY A 166 10.70 -39.38 -21.76
CA GLY A 166 11.68 -38.32 -21.78
C GLY A 166 12.37 -38.19 -20.43
N GLN A 167 13.18 -37.14 -20.27
CA GLN A 167 13.98 -36.92 -19.09
C GLN A 167 13.72 -35.51 -18.57
N GLY A 168 13.11 -35.40 -17.40
CA GLY A 168 12.93 -34.10 -16.77
C GLY A 168 14.28 -33.53 -16.32
N LEU A 169 14.51 -32.24 -16.58
CA LEU A 169 15.78 -31.61 -16.30
C LEU A 169 15.55 -30.27 -15.59
N LEU A 170 16.41 -29.96 -14.63
CA LEU A 170 16.44 -28.63 -14.05
C LEU A 170 17.88 -28.18 -13.90
N GLY A 171 18.29 -27.22 -14.74
CA GLY A 171 19.58 -26.59 -14.61
C GLY A 171 19.49 -25.38 -13.68
N ILE A 172 20.30 -25.40 -12.62
CA ILE A 172 20.32 -24.32 -11.64
C ILE A 172 21.62 -23.54 -11.82
N ARG A 173 21.53 -22.20 -11.84
CA ARG A 173 22.71 -21.34 -11.83
C ARG A 173 22.65 -20.35 -10.67
N ARG A 174 23.82 -20.03 -10.12
CA ARG A 174 23.99 -18.86 -9.28
C ARG A 174 23.10 -18.99 -8.05
N ALA A 175 23.09 -20.19 -7.45
CA ALA A 175 22.39 -20.42 -6.21
C ALA A 175 23.09 -19.66 -5.10
N GLY A 176 22.32 -19.01 -4.24
CA GLY A 176 22.89 -18.27 -3.13
C GLY A 176 21.83 -17.77 -2.15
N VAL A 177 22.31 -17.44 -0.94
CA VAL A 177 21.52 -16.78 0.08
C VAL A 177 22.30 -15.57 0.58
N SER A 178 21.65 -14.41 0.58
CA SER A 178 22.28 -13.17 1.03
C SER A 178 21.52 -12.66 2.27
N TYR A 179 22.28 -12.11 3.23
CA TYR A 179 21.73 -11.53 4.44
C TYR A 179 21.72 -10.01 4.29
N VAL A 180 20.83 -9.35 5.04
CA VAL A 180 20.86 -7.91 5.17
C VAL A 180 20.34 -7.58 6.58
N ALA A 181 21.13 -6.79 7.32
CA ALA A 181 20.89 -6.56 8.73
C ALA A 181 19.78 -5.54 8.92
N ALA A 182 18.94 -5.77 9.94
CA ALA A 182 18.01 -4.76 10.42
C ALA A 182 18.81 -3.58 10.97
N PRO A 183 18.35 -2.33 10.81
CA PRO A 183 19.07 -1.17 11.35
C PRO A 183 19.04 -1.13 12.87
N VAL A 184 20.05 -0.46 13.44
CA VAL A 184 20.21 -0.34 14.89
C VAL A 184 19.08 0.56 15.40
N ASN A 185 18.60 0.24 16.61
CA ASN A 185 17.48 0.94 17.24
C ASN A 185 16.23 0.74 16.37
N HIS A 186 15.75 1.82 15.73
CA HIS A 186 14.55 1.79 14.90
C HIS A 186 13.39 1.11 15.64
N ASP A 187 12.54 1.94 16.24
CA ASP A 187 11.22 1.56 16.70
C ASP A 187 10.67 0.45 15.80
N ARG A 188 10.23 -0.67 16.39
CA ARG A 188 9.86 -1.86 15.64
C ARG A 188 8.71 -1.56 14.67
N HIS A 189 7.75 -0.74 15.10
CA HIS A 189 6.65 -0.32 14.24
C HIS A 189 7.18 0.11 12.87
N LYS A 190 8.29 0.87 12.88
CA LYS A 190 8.87 1.44 11.68
C LYS A 190 9.83 0.45 11.03
N ARG A 191 10.68 -0.19 11.85
CA ARG A 191 11.77 -1.04 11.39
C ARG A 191 11.33 -1.97 10.26
N TRP A 192 10.19 -2.64 10.44
CA TRP A 192 9.72 -3.67 9.53
C TRP A 192 8.50 -3.18 8.73
N SER A 193 8.32 -1.86 8.64
CA SER A 193 7.10 -1.28 8.11
C SER A 193 6.93 -1.58 6.61
N GLU A 194 8.03 -1.97 5.94
CA GLU A 194 7.99 -2.18 4.50
C GLU A 194 7.94 -3.68 4.17
N TRP A 195 7.73 -4.53 5.17
CA TRP A 195 7.74 -5.97 4.96
C TRP A 195 6.57 -6.42 4.10
N HIS A 196 5.49 -5.64 4.07
CA HIS A 196 4.27 -6.00 3.36
C HIS A 196 3.98 -5.00 2.23
N SER A 197 5.00 -4.25 1.80
CA SER A 197 4.85 -3.33 0.68
C SER A 197 5.83 -3.69 -0.44
N GLY A 198 5.57 -3.18 -1.64
CA GLY A 198 6.50 -3.30 -2.74
C GLY A 198 7.93 -2.91 -2.34
N LYS A 199 8.06 -1.86 -1.52
CA LYS A 199 9.35 -1.30 -1.13
C LYS A 199 10.28 -2.33 -0.51
N LEU A 200 9.77 -3.52 -0.17
CA LEU A 200 10.60 -4.58 0.37
C LEU A 200 11.78 -4.84 -0.57
N LEU A 201 11.55 -4.69 -1.88
CA LEU A 201 12.56 -4.93 -2.90
C LEU A 201 13.77 -4.02 -2.70
N CYS A 202 13.55 -2.85 -2.10
CA CYS A 202 14.60 -1.88 -1.88
C CYS A 202 15.68 -2.39 -0.92
N LEU A 203 15.35 -3.40 -0.10
CA LEU A 203 16.31 -3.97 0.84
C LEU A 203 17.29 -4.90 0.13
N LEU A 204 17.15 -5.04 -1.19
CA LEU A 204 17.77 -6.13 -1.92
C LEU A 204 18.53 -5.59 -3.13
N ASP A 205 19.86 -5.53 -3.01
CA ASP A 205 20.73 -4.92 -4.01
C ASP A 205 20.37 -5.40 -5.42
N PRO A 206 20.23 -6.72 -5.66
CA PRO A 206 19.84 -7.22 -6.98
C PRO A 206 18.65 -6.49 -7.59
N LEU A 207 17.66 -6.19 -6.75
CA LEU A 207 16.34 -5.77 -7.21
C LEU A 207 16.07 -4.29 -6.92
N ASP A 208 16.94 -3.63 -6.14
CA ASP A 208 16.72 -2.23 -5.79
C ASP A 208 16.64 -1.39 -7.06
N ALA A 209 17.30 -1.86 -8.13
CA ALA A 209 17.23 -1.24 -9.45
C ALA A 209 15.80 -1.20 -9.98
N ILE A 210 15.02 -2.25 -9.71
CA ILE A 210 13.73 -2.44 -10.35
C ILE A 210 12.70 -1.51 -9.72
N TYR A 211 12.65 -1.48 -8.39
CA TYR A 211 11.64 -0.67 -7.70
C TYR A 211 11.86 0.80 -8.04
N ASN A 212 13.12 1.25 -7.97
CA ASN A 212 13.49 2.62 -8.29
C ASN A 212 13.08 2.96 -9.73
N TYR A 213 13.22 1.99 -10.65
CA TYR A 213 12.84 2.20 -12.03
C TYR A 213 11.32 2.40 -12.14
N VAL A 214 10.55 1.58 -11.41
CA VAL A 214 9.11 1.53 -11.57
C VAL A 214 8.47 2.81 -11.01
N SER A 215 8.75 3.09 -9.74
CA SER A 215 8.11 4.20 -9.03
C SER A 215 8.73 5.54 -9.43
N GLN A 216 10.06 5.58 -9.61
CA GLN A 216 10.83 6.80 -9.78
C GLN A 216 10.94 7.53 -8.44
N ASN A 217 9.85 7.46 -7.64
CA ASN A 217 9.79 8.02 -6.30
C ASN A 217 10.90 7.47 -5.40
N ARG A 218 11.71 6.56 -5.96
CA ARG A 218 12.94 6.11 -5.34
C ARG A 218 12.63 5.22 -4.14
N CYS A 219 13.67 4.53 -3.67
CA CYS A 219 13.67 3.78 -2.43
C CYS A 219 14.11 4.68 -1.28
N SER A 220 14.45 5.93 -1.62
CA SER A 220 14.78 6.96 -0.65
C SER A 220 13.69 7.09 0.43
N LEU A 221 12.43 7.03 -0.03
CA LEU A 221 11.26 7.13 0.85
C LEU A 221 11.02 5.80 1.54
N GLY A 222 10.73 5.86 2.85
CA GLY A 222 10.35 4.69 3.62
C GLY A 222 11.51 4.12 4.44
N GLU A 223 11.19 3.19 5.36
CA GLU A 223 12.19 2.53 6.18
C GLU A 223 12.84 1.41 5.37
N THR A 224 13.70 1.81 4.42
CA THR A 224 14.31 0.89 3.47
C THR A 224 15.79 0.70 3.80
N TRP A 225 16.16 0.90 5.07
CA TRP A 225 17.46 0.51 5.57
C TRP A 225 18.54 0.98 4.60
N GLU A 226 18.64 2.31 4.41
CA GLU A 226 19.49 2.87 3.37
C GLU A 226 20.94 2.42 3.59
N GLY A 227 21.41 2.48 4.85
CA GLY A 227 22.80 2.21 5.15
C GLY A 227 23.17 0.73 5.20
N ALA A 228 22.24 -0.15 4.81
CA ALA A 228 22.40 -1.59 5.00
C ALA A 228 23.43 -2.15 4.03
N ILE A 229 23.96 -3.33 4.36
CA ILE A 229 24.96 -4.02 3.56
C ILE A 229 24.40 -5.36 3.12
N TYR A 230 23.99 -5.46 1.84
CA TYR A 230 23.49 -6.69 1.27
C TYR A 230 24.65 -7.65 1.05
N GLN A 231 24.80 -8.64 1.94
CA GLN A 231 26.00 -9.46 1.98
C GLN A 231 25.65 -10.92 1.70
N THR A 232 26.57 -11.61 1.00
CA THR A 232 26.45 -13.03 0.73
C THR A 232 26.80 -13.85 1.97
N LEU A 233 26.09 -14.96 2.19
CA LEU A 233 26.37 -15.90 3.27
C LEU A 233 26.89 -17.23 2.74
N ALA A 234 26.36 -17.67 1.59
CA ALA A 234 26.77 -18.92 0.98
C ALA A 234 26.46 -18.88 -0.50
N GLY A 235 27.17 -19.72 -1.27
CA GLY A 235 27.02 -19.77 -2.72
C GLY A 235 27.39 -18.44 -3.38
N ARG A 236 26.92 -18.24 -4.61
CA ARG A 236 27.32 -17.11 -5.43
C ARG A 236 26.08 -16.53 -6.11
N PRO A 237 25.19 -15.84 -5.38
CA PRO A 237 23.95 -15.33 -5.95
C PRO A 237 24.18 -14.19 -6.95
N VAL A 238 23.28 -14.06 -7.92
CA VAL A 238 23.31 -12.95 -8.87
C VAL A 238 23.25 -11.65 -8.09
N ASP A 239 24.17 -10.72 -8.42
CA ASP A 239 24.39 -9.54 -7.60
C ASP A 239 23.52 -8.37 -8.09
N LYS A 240 23.39 -8.21 -9.41
CA LYS A 240 22.64 -7.09 -9.97
C LYS A 240 21.83 -7.57 -11.18
N TYR A 241 20.60 -7.05 -11.30
CA TYR A 241 19.77 -7.20 -12.48
C TYR A 241 19.51 -5.83 -13.10
N ALA A 242 19.46 -5.79 -14.44
CA ALA A 242 19.20 -4.57 -15.17
C ALA A 242 17.72 -4.21 -15.09
N PRO A 243 17.36 -2.91 -15.08
CA PRO A 243 15.95 -2.51 -15.26
C PRO A 243 15.36 -3.17 -16.51
N PRO A 244 14.18 -3.80 -16.43
CA PRO A 244 13.58 -4.46 -17.60
C PRO A 244 13.22 -3.49 -18.72
N ALA A 245 12.84 -4.07 -19.87
CA ALA A 245 12.44 -3.29 -21.03
C ALA A 245 11.21 -2.46 -20.67
N SER A 246 10.07 -3.14 -20.48
CA SER A 246 8.85 -2.51 -20.00
C SER A 246 8.83 -2.55 -18.48
N LYS A 247 8.02 -1.68 -17.88
CA LYS A 247 7.89 -1.58 -16.43
C LYS A 247 7.06 -2.74 -15.92
N PRO A 248 7.55 -3.51 -14.93
CA PRO A 248 6.76 -4.58 -14.30
C PRO A 248 5.89 -4.06 -13.16
N VAL A 249 4.84 -4.81 -12.85
CA VAL A 249 3.98 -4.50 -11.71
C VAL A 249 4.56 -5.22 -10.49
N ILE A 250 5.11 -4.43 -9.55
CA ILE A 250 5.54 -4.98 -8.27
C ILE A 250 4.31 -5.02 -7.36
N SER A 251 4.09 -6.18 -6.71
CA SER A 251 2.91 -6.37 -5.88
C SER A 251 3.18 -7.47 -4.84
N GLN A 252 2.54 -7.31 -3.68
CA GLN A 252 2.65 -8.28 -2.60
C GLN A 252 1.24 -8.81 -2.35
N ARG A 253 1.09 -10.14 -2.27
CA ARG A 253 -0.21 -10.73 -1.95
C ARG A 253 -0.18 -11.25 -0.52
N ILE A 254 -1.03 -10.64 0.33
CA ILE A 254 -1.02 -10.88 1.76
C ILE A 254 -2.33 -11.51 2.18
N HIS A 255 -2.24 -12.43 3.15
CA HIS A 255 -3.35 -13.22 3.63
C HIS A 255 -3.63 -12.86 5.09
N PHE A 256 -4.88 -13.06 5.52
CA PHE A 256 -5.26 -12.81 6.91
C PHE A 256 -6.01 -14.01 7.46
N ALA A 257 -5.35 -14.74 8.37
CA ALA A 257 -5.86 -15.99 8.91
C ALA A 257 -7.17 -15.75 9.66
N LYS A 258 -7.29 -14.60 10.35
CA LYS A 258 -8.44 -14.31 11.19
C LYS A 258 -9.64 -13.87 10.36
N GLY A 259 -9.45 -13.70 9.04
CA GLY A 259 -10.54 -13.32 8.17
C GLY A 259 -11.02 -11.91 8.49
N ASN A 260 -10.06 -10.98 8.51
CA ASN A 260 -10.27 -9.59 8.93
C ASN A 260 -9.56 -8.66 7.96
N ALA A 261 -9.65 -8.98 6.67
CA ALA A 261 -8.88 -8.28 5.64
C ALA A 261 -9.38 -6.85 5.51
N LEU A 262 -10.70 -6.66 5.62
CA LEU A 262 -11.31 -5.35 5.46
C LEU A 262 -10.98 -4.49 6.68
N GLU A 263 -11.12 -5.07 7.88
CA GLU A 263 -10.72 -4.42 9.13
C GLU A 263 -9.28 -3.93 9.03
N ALA A 264 -8.41 -4.80 8.52
CA ALA A 264 -6.97 -4.58 8.53
C ALA A 264 -6.58 -3.47 7.54
N LEU A 265 -7.11 -3.57 6.32
CA LEU A 265 -6.78 -2.60 5.29
C LEU A 265 -7.36 -1.25 5.66
N THR A 266 -8.52 -1.28 6.32
CA THR A 266 -9.16 -0.07 6.82
C THR A 266 -8.29 0.59 7.90
N SER A 267 -7.82 -0.20 8.87
CA SER A 267 -6.88 0.29 9.88
C SER A 267 -5.70 0.94 9.16
N HIS A 268 -5.17 0.24 8.16
CA HIS A 268 -3.99 0.65 7.44
C HIS A 268 -4.19 2.05 6.84
N ARG A 269 -5.33 2.25 6.16
CA ARG A 269 -5.62 3.52 5.53
C ARG A 269 -5.93 4.61 6.57
N VAL A 270 -6.76 4.29 7.57
CA VAL A 270 -7.25 5.29 8.50
C VAL A 270 -6.14 5.75 9.42
N CYS A 271 -5.31 4.82 9.89
CA CYS A 271 -4.38 5.09 10.99
C CYS A 271 -2.94 5.15 10.49
N GLY A 272 -2.72 4.67 9.25
CA GLY A 272 -1.39 4.64 8.67
C GLY A 272 -0.50 3.62 9.35
N ILE A 273 -1.05 2.43 9.63
CA ILE A 273 -0.29 1.36 10.25
C ILE A 273 0.20 0.40 9.17
N PRO A 274 1.48 -0.03 9.21
CA PRO A 274 1.97 -1.09 8.35
C PRO A 274 1.12 -2.35 8.43
N LEU A 275 0.72 -2.91 7.28
CA LEU A 275 -0.01 -4.16 7.25
C LEU A 275 0.76 -5.26 8.01
N GLU A 276 2.09 -5.12 8.06
CA GLU A 276 2.92 -6.08 8.79
C GLU A 276 2.65 -5.96 10.29
N SER A 277 2.51 -4.73 10.77
CA SER A 277 2.29 -4.47 12.19
C SER A 277 0.97 -5.06 12.65
N LEU A 278 0.03 -5.29 11.72
CA LEU A 278 -1.26 -5.89 12.03
C LEU A 278 -1.23 -7.40 11.78
N ALA A 279 -0.11 -8.05 12.08
CA ALA A 279 0.01 -9.48 11.84
C ALA A 279 0.79 -10.11 12.98
N ARG A 280 0.69 -11.44 13.12
CA ARG A 280 1.22 -12.11 14.29
C ARG A 280 2.63 -11.58 14.56
N ARG A 281 2.85 -11.11 15.79
CA ARG A 281 4.16 -10.75 16.29
C ARG A 281 4.72 -11.97 17.02
N ARG A 282 6.05 -12.13 17.01
CA ARG A 282 6.67 -13.23 17.74
C ARG A 282 6.47 -12.99 19.24
N LYS A 283 6.52 -11.71 19.63
CA LYS A 283 6.33 -11.30 21.02
C LYS A 283 5.14 -10.33 21.08
N PRO A 284 3.92 -10.82 21.39
CA PRO A 284 2.70 -10.03 21.36
C PRO A 284 2.77 -8.55 21.74
N ARG A 285 3.50 -8.26 22.84
CA ARG A 285 3.74 -6.89 23.28
C ARG A 285 2.40 -6.18 23.51
N GLU A 288 -1.81 -4.15 23.72
CA GLU A 288 -2.49 -3.22 22.79
C GLU A 288 -1.83 -1.83 22.84
N GLU A 289 -1.01 -1.55 21.82
CA GLU A 289 -0.51 -0.20 21.56
C GLU A 289 -1.24 0.40 20.35
N TRP A 290 -2.24 -0.34 19.83
CA TRP A 290 -3.09 0.13 18.75
C TRP A 290 -4.41 0.66 19.32
N SER A 291 -4.35 1.18 20.56
CA SER A 291 -5.51 1.61 21.31
C SER A 291 -6.09 2.89 20.72
N SER A 292 -5.20 3.74 20.21
CA SER A 292 -5.56 5.10 19.82
C SER A 292 -6.37 5.09 18.54
N CYS A 293 -6.00 4.23 17.58
CA CYS A 293 -6.60 4.28 16.26
C CYS A 293 -6.91 2.88 15.73
N GLY A 294 -5.88 2.03 15.69
CA GLY A 294 -5.99 0.72 15.05
C GLY A 294 -7.25 -0.03 15.41
N ASN A 295 -7.36 -0.42 16.69
CA ASN A 295 -8.41 -1.33 17.13
C ASN A 295 -9.79 -0.70 16.88
N PRO A 296 -10.02 0.57 17.30
CA PRO A 296 -11.30 1.24 17.04
C PRO A 296 -11.77 1.18 15.59
N ALA A 297 -10.87 1.48 14.65
CA ALA A 297 -11.21 1.54 13.24
C ALA A 297 -11.64 0.16 12.75
N ALA A 298 -10.80 -0.84 13.02
CA ALA A 298 -11.13 -2.23 12.71
C ALA A 298 -12.48 -2.59 13.33
N ASN A 299 -12.64 -2.22 14.61
CA ASN A 299 -13.82 -2.55 15.38
C ASN A 299 -15.07 -1.98 14.70
N PHE A 300 -14.97 -0.76 14.16
CA PHE A 300 -16.08 -0.13 13.47
C PHE A 300 -16.54 -0.98 12.29
N VAL A 301 -15.57 -1.53 11.56
CA VAL A 301 -15.87 -2.31 10.36
C VAL A 301 -16.60 -3.58 10.79
N ALA A 302 -16.09 -4.25 11.82
CA ALA A 302 -16.69 -5.48 12.32
C ALA A 302 -18.12 -5.22 12.77
N LEU A 303 -18.29 -4.17 13.59
CA LEU A 303 -19.58 -3.80 14.14
C LEU A 303 -20.54 -3.42 13.02
N TYR A 304 -20.05 -2.65 12.04
CA TYR A 304 -20.89 -2.22 10.93
C TYR A 304 -21.34 -3.45 10.14
N ILE A 305 -20.44 -4.41 9.94
CA ILE A 305 -20.77 -5.61 9.18
C ILE A 305 -21.88 -6.38 9.90
N ALA A 306 -21.88 -6.37 11.23
CA ALA A 306 -22.78 -7.18 12.04
C ALA A 306 -24.22 -6.67 11.98
N THR A 307 -24.41 -5.41 11.57
CA THR A 307 -25.73 -4.81 11.48
C THR A 307 -26.38 -5.08 10.13
N ARG A 308 -25.56 -5.46 9.13
CA ARG A 308 -25.98 -5.80 7.77
C ARG A 308 -26.43 -4.55 7.00
N LEU A 309 -26.07 -3.37 7.49
CA LEU A 309 -26.45 -2.14 6.81
C LEU A 309 -25.60 -1.98 5.56
N PRO A 310 -26.20 -1.64 4.40
CA PRO A 310 -25.45 -1.13 3.25
C PRO A 310 -24.36 -0.12 3.62
N PHE A 311 -23.16 -0.31 3.07
CA PHE A 311 -22.00 0.50 3.39
C PHE A 311 -22.12 1.91 2.79
N ASP A 312 -22.93 2.07 1.75
CA ASP A 312 -23.07 3.35 1.06
C ASP A 312 -23.90 4.33 1.91
N GLN A 313 -24.79 3.79 2.76
CA GLN A 313 -25.70 4.59 3.57
C GLN A 313 -25.02 5.09 4.86
N PHE A 314 -23.72 4.82 5.00
CA PHE A 314 -23.04 4.93 6.29
C PHE A 314 -23.04 6.39 6.77
N ARG A 315 -22.87 7.34 5.86
CA ARG A 315 -22.77 8.74 6.24
C ARG A 315 -24.03 9.16 6.99
N GLN A 316 -25.19 8.74 6.45
CA GLN A 316 -26.47 8.95 7.08
C GLN A 316 -26.52 8.22 8.43
N VAL A 317 -26.24 6.91 8.37
CA VAL A 317 -26.39 6.02 9.51
C VAL A 317 -25.65 6.58 10.71
N ILE A 318 -24.34 6.76 10.60
CA ILE A 318 -23.52 7.30 11.68
C ILE A 318 -24.21 8.55 12.25
N HIS A 319 -24.63 9.45 11.36
CA HIS A 319 -25.26 10.71 11.77
C HIS A 319 -26.47 10.41 12.66
N ASN A 320 -27.34 9.52 12.18
CA ASN A 320 -28.56 9.17 12.90
C ASN A 320 -28.24 8.65 14.29
N LEU A 321 -27.28 7.73 14.38
CA LEU A 321 -26.94 7.10 15.64
C LEU A 321 -26.36 8.15 16.59
N VAL A 322 -25.73 9.19 16.04
CA VAL A 322 -25.20 10.28 16.85
C VAL A 322 -26.36 11.10 17.43
N HIS A 323 -27.48 11.20 16.70
CA HIS A 323 -28.55 12.12 17.05
C HIS A 323 -29.82 11.37 17.50
N GLY A 324 -29.67 10.07 17.81
CA GLY A 324 -30.78 9.26 18.24
C GLY A 324 -31.94 9.29 17.25
N GLN A 325 -31.64 9.04 15.98
CA GLN A 325 -32.65 8.85 14.95
C GLN A 325 -32.66 7.38 14.56
N ALA A 326 -33.83 6.87 14.17
CA ALA A 326 -34.06 5.45 13.97
C ALA A 326 -33.16 4.89 12.87
N VAL A 327 -33.13 3.55 12.78
CA VAL A 327 -32.35 2.86 11.76
C VAL A 327 -33.05 1.54 11.43
N ALA A 328 -32.84 1.07 10.19
CA ALA A 328 -33.43 -0.15 9.69
C ALA A 328 -32.51 -1.33 9.97
N ALA A 329 -32.58 -1.86 11.20
CA ALA A 329 -31.92 -3.10 11.57
C ALA A 329 -32.92 -4.00 12.30
N PRO A 330 -33.05 -5.29 11.90
CA PRO A 330 -33.98 -6.20 12.59
C PRO A 330 -33.53 -6.50 14.02
N ASP A 331 -32.25 -6.85 14.18
CA ASP A 331 -31.68 -7.19 15.49
C ASP A 331 -31.13 -5.92 16.14
N PRO A 332 -31.65 -5.51 17.31
CA PRO A 332 -31.20 -4.27 17.95
C PRO A 332 -29.86 -4.35 18.69
N VAL A 333 -29.35 -5.56 18.95
CA VAL A 333 -28.18 -5.71 19.79
C VAL A 333 -26.93 -5.26 19.03
N PRO A 334 -26.56 -5.86 17.87
CA PRO A 334 -25.47 -5.34 17.05
C PRO A 334 -25.55 -3.86 16.74
N LEU A 335 -26.75 -3.36 16.41
CA LEU A 335 -26.92 -1.95 16.13
C LEU A 335 -26.48 -1.15 17.35
N ASP A 336 -26.87 -1.59 18.56
CA ASP A 336 -26.58 -0.85 19.77
C ASP A 336 -25.07 -0.89 20.04
N ALA A 337 -24.45 -2.05 19.83
CA ALA A 337 -23.01 -2.20 19.94
C ALA A 337 -22.31 -1.15 19.07
N LEU A 338 -22.82 -0.95 17.85
CA LEU A 338 -22.32 0.06 16.93
C LEU A 338 -22.60 1.47 17.48
N ARG A 339 -23.86 1.74 17.83
CA ARG A 339 -24.27 3.04 18.34
C ARG A 339 -23.29 3.51 19.42
N THR A 340 -23.01 2.60 20.36
CA THR A 340 -22.14 2.89 21.50
C THR A 340 -20.76 3.34 21.01
N ALA A 341 -20.18 2.54 20.11
CA ALA A 341 -18.85 2.81 19.60
C ALA A 341 -18.83 4.10 18.79
N VAL A 342 -19.91 4.39 18.06
CA VAL A 342 -20.00 5.54 17.18
C VAL A 342 -20.04 6.82 18.00
N ILE A 343 -20.85 6.82 19.06
CA ILE A 343 -21.06 8.01 19.86
C ILE A 343 -19.77 8.40 20.58
N GLU A 344 -18.94 7.40 20.90
CA GLU A 344 -17.71 7.63 21.65
C GLU A 344 -16.66 8.30 20.76
N GLN A 345 -16.72 8.04 19.44
CA GLN A 345 -15.74 8.58 18.50
C GLN A 345 -16.41 8.80 17.14
N PRO A 346 -17.32 9.78 17.02
CA PRO A 346 -18.16 9.89 15.82
C PRO A 346 -17.37 10.21 14.55
N GLU A 347 -16.30 10.99 14.70
CA GLU A 347 -15.48 11.37 13.55
C GLU A 347 -14.67 10.16 13.07
N LEU A 348 -14.03 9.44 14.00
CA LEU A 348 -13.23 8.27 13.65
C LEU A 348 -14.11 7.18 13.03
N ALA A 349 -15.34 7.04 13.54
CA ALA A 349 -16.32 6.14 12.94
C ALA A 349 -16.58 6.54 11.49
N ARG A 350 -16.62 7.85 11.26
CA ARG A 350 -16.97 8.43 9.97
C ARG A 350 -15.82 8.22 9.00
N GLN A 351 -14.57 8.41 9.47
CA GLN A 351 -13.38 8.14 8.70
C GLN A 351 -13.28 6.65 8.36
N SER A 352 -13.50 5.81 9.37
CA SER A 352 -13.21 4.39 9.29
C SER A 352 -14.11 3.71 8.27
N ILE A 353 -15.42 3.91 8.40
CA ILE A 353 -16.37 3.19 7.56
C ILE A 353 -16.42 3.82 6.17
N ALA A 354 -15.92 5.06 6.06
CA ALA A 354 -15.79 5.72 4.76
C ALA A 354 -14.77 4.98 3.90
N GLN A 355 -13.59 4.72 4.48
CA GLN A 355 -12.55 3.95 3.82
C GLN A 355 -13.07 2.55 3.49
N ALA A 356 -13.53 1.83 4.52
CA ALA A 356 -14.05 0.48 4.35
C ALA A 356 -15.06 0.44 3.21
N ALA A 357 -15.87 1.51 3.08
CA ALA A 357 -16.90 1.56 2.05
C ALA A 357 -16.26 1.54 0.67
N ASP A 358 -15.17 2.31 0.51
CA ASP A 358 -14.48 2.45 -0.77
C ASP A 358 -13.85 1.12 -1.15
N ILE A 359 -13.15 0.51 -0.17
CA ILE A 359 -12.49 -0.77 -0.36
C ILE A 359 -13.52 -1.81 -0.83
N PHE A 360 -14.68 -1.83 -0.17
CA PHE A 360 -15.70 -2.82 -0.46
C PHE A 360 -16.34 -2.57 -1.83
N ARG A 361 -16.46 -1.29 -2.23
CA ARG A 361 -17.09 -0.95 -3.50
C ARG A 361 -16.22 -1.47 -4.64
N ASN A 362 -14.90 -1.33 -4.48
CA ASN A 362 -13.92 -1.83 -5.43
C ASN A 362 -13.98 -3.36 -5.50
N TYR A 363 -14.02 -4.02 -4.35
CA TYR A 363 -14.08 -5.46 -4.29
C TYR A 363 -15.26 -5.97 -5.13
N GLN A 364 -16.41 -5.29 -5.06
CA GLN A 364 -17.60 -5.75 -5.74
C GLN A 364 -17.50 -5.49 -7.25
N ALA A 365 -16.76 -4.44 -7.62
CA ALA A 365 -16.51 -4.12 -9.02
C ALA A 365 -15.64 -5.19 -9.67
N ALA A 366 -14.77 -5.82 -8.87
CA ALA A 366 -13.93 -6.92 -9.33
C ALA A 366 -14.62 -8.25 -9.09
N ASN A 367 -15.59 -8.27 -8.17
CA ASN A 367 -16.25 -9.51 -7.75
C ASN A 367 -17.74 -9.23 -7.54
N PRO A 368 -18.55 -9.20 -8.62
CA PRO A 368 -19.97 -8.88 -8.51
C PRO A 368 -20.70 -9.70 -7.45
N GLY A 369 -21.50 -9.01 -6.63
CA GLY A 369 -22.39 -9.65 -5.66
C GLY A 369 -21.63 -10.42 -4.58
N ALA A 370 -20.50 -9.88 -4.14
CA ALA A 370 -19.71 -10.50 -3.09
C ALA A 370 -20.07 -9.86 -1.76
N SER A 371 -20.11 -10.70 -0.71
CA SER A 371 -20.52 -10.25 0.61
C SER A 371 -19.33 -9.67 1.37
N ALA A 372 -19.60 -8.74 2.28
CA ALA A 372 -18.58 -8.21 3.17
C ALA A 372 -17.87 -9.38 3.87
N ALA A 373 -18.62 -10.40 4.27
CA ALA A 373 -18.05 -11.58 4.90
C ALA A 373 -16.95 -12.17 4.02
N ALA A 374 -17.19 -12.16 2.70
CA ALA A 374 -16.24 -12.66 1.72
C ALA A 374 -15.03 -11.73 1.64
N ALA A 375 -15.30 -10.42 1.55
CA ALA A 375 -14.27 -9.40 1.53
C ALA A 375 -13.33 -9.55 2.73
N GLN A 376 -13.87 -9.99 3.86
CA GLN A 376 -13.11 -10.11 5.09
C GLN A 376 -12.08 -11.24 4.98
N GLN A 377 -12.31 -12.20 4.06
CA GLN A 377 -11.46 -13.37 3.93
C GLN A 377 -10.62 -13.30 2.65
N ALA A 378 -10.82 -12.24 1.86
CA ALA A 378 -9.99 -11.98 0.70
C ALA A 378 -8.55 -11.69 1.12
N ASP A 379 -7.63 -11.89 0.19
CA ASP A 379 -6.24 -11.47 0.34
C ASP A 379 -6.13 -9.99 0.00
N VAL A 380 -5.11 -9.32 0.53
CA VAL A 380 -4.80 -7.97 0.11
C VAL A 380 -3.67 -8.04 -0.92
N LEU A 381 -3.92 -7.45 -2.10
CA LEU A 381 -2.90 -7.30 -3.12
C LEU A 381 -2.38 -5.87 -3.11
N ALA A 382 -1.22 -5.67 -2.47
CA ALA A 382 -0.58 -4.37 -2.39
C ALA A 382 0.19 -4.08 -3.69
N VAL A 383 -0.44 -3.30 -4.58
CA VAL A 383 0.15 -2.94 -5.85
C VAL A 383 0.92 -1.63 -5.70
N THR A 384 2.25 -1.67 -5.88
CA THR A 384 3.02 -0.43 -5.95
C THR A 384 2.93 0.10 -7.38
N CYS A 385 2.14 1.17 -7.55
CA CYS A 385 1.73 1.67 -8.86
C CYS A 385 2.91 2.27 -9.59
N PRO A 386 2.99 2.15 -10.94
CA PRO A 386 4.09 2.76 -11.70
C PRO A 386 4.11 4.29 -11.61
N ALA A 387 3.65 4.81 -10.46
CA ALA A 387 3.82 6.20 -10.05
C ALA A 387 4.26 7.07 -11.21
N ASP A 388 3.38 7.18 -12.21
CA ASP A 388 3.57 8.05 -13.35
C ASP A 388 2.25 8.08 -14.11
N ALA A 389 2.04 7.06 -14.95
CA ALA A 389 1.00 7.08 -15.97
C ALA A 389 -0.35 7.40 -15.35
N ARG A 390 -1.18 6.37 -15.15
CA ARG A 390 -2.55 6.55 -14.68
C ARG A 390 -2.90 5.31 -13.83
N PRO A 391 -3.77 4.37 -14.27
CA PRO A 391 -4.34 3.38 -13.35
C PRO A 391 -3.53 2.09 -13.22
N CYS A 392 -3.07 1.79 -12.00
CA CYS A 392 -2.22 0.65 -11.72
C CYS A 392 -3.06 -0.62 -11.56
N GLY A 393 -3.97 -0.61 -10.56
CA GLY A 393 -4.82 -1.74 -10.27
C GLY A 393 -5.70 -2.11 -11.46
N SER A 394 -5.35 -3.23 -12.12
CA SER A 394 -5.91 -3.58 -13.41
C SER A 394 -6.03 -5.09 -13.55
N GLY A 395 -7.26 -5.58 -13.79
CA GLY A 395 -7.51 -7.00 -13.96
C GLY A 395 -7.30 -7.77 -12.65
N ALA A 396 -7.93 -7.28 -11.57
CA ALA A 396 -7.79 -7.87 -10.26
C ALA A 396 -8.01 -9.37 -10.34
N SER A 397 -7.17 -10.13 -9.63
CA SER A 397 -7.14 -11.58 -9.74
C SER A 397 -8.44 -12.22 -9.27
N SER A 398 -9.45 -11.39 -8.96
CA SER A 398 -10.71 -11.87 -8.41
C SER A 398 -10.43 -12.61 -7.11
N GLY A 399 -10.79 -11.99 -5.98
CA GLY A 399 -10.60 -12.57 -4.67
C GLY A 399 -9.59 -11.79 -3.84
N VAL A 400 -9.32 -10.54 -4.27
CA VAL A 400 -8.37 -9.68 -3.61
C VAL A 400 -9.00 -8.30 -3.40
N LEU A 401 -8.63 -7.70 -2.27
CA LEU A 401 -8.76 -6.26 -2.07
C LEU A 401 -7.49 -5.61 -2.63
N VAL A 402 -7.64 -4.69 -3.59
CA VAL A 402 -6.50 -4.07 -4.24
C VAL A 402 -6.08 -2.83 -3.46
N GLN A 403 -4.89 -2.86 -2.86
CA GLN A 403 -4.30 -1.68 -2.23
C GLN A 403 -3.30 -1.06 -3.20
N ARG A 404 -3.58 0.17 -3.63
CA ARG A 404 -2.68 0.92 -4.50
C ARG A 404 -1.72 1.71 -3.61
N GLU A 405 -0.42 1.40 -3.73
CA GLU A 405 0.61 2.10 -2.97
C GLU A 405 1.19 3.23 -3.81
N ASN A 406 0.85 4.46 -3.41
CA ASN A 406 1.56 5.67 -3.78
C ASN A 406 2.29 6.16 -2.53
N PRO A 407 3.13 7.21 -2.61
CA PRO A 407 3.78 7.75 -1.41
C PRO A 407 2.82 8.49 -0.48
N THR A 408 3.30 8.77 0.73
CA THR A 408 2.54 9.46 1.75
C THR A 408 3.40 10.54 2.38
N GLY A 409 2.77 11.60 2.87
CA GLY A 409 3.47 12.70 3.52
C GLY A 409 4.53 12.21 4.49
N ALA A 410 4.17 11.21 5.31
CA ALA A 410 5.04 10.67 6.34
C ALA A 410 6.41 10.26 5.78
N HIS A 411 6.45 9.89 4.50
CA HIS A 411 7.67 9.44 3.84
C HIS A 411 8.68 10.58 3.65
N PHE A 412 8.22 11.84 3.78
CA PHE A 412 9.06 13.01 3.57
C PHE A 412 9.44 13.69 4.88
N LEU A 413 8.97 13.15 6.01
CA LEU A 413 9.19 13.77 7.30
C LEU A 413 10.54 13.31 7.85
N ASN A 414 11.09 14.13 8.77
CA ASN A 414 12.42 13.89 9.31
C ASN A 414 12.37 12.64 10.19
N ASP A 415 13.54 12.19 10.65
CA ASP A 415 13.64 11.02 11.52
C ASP A 415 13.14 11.36 12.93
N GLY A 416 12.88 12.65 13.19
CA GLY A 416 12.35 13.10 14.47
C GLY A 416 10.98 12.50 14.78
N GLU A 417 10.52 12.70 16.02
CA GLU A 417 9.28 12.11 16.50
C GLU A 417 8.13 12.59 15.62
N LEU A 418 7.37 11.62 15.10
CA LEU A 418 6.41 11.87 14.03
C LEU A 418 5.30 12.78 14.54
N PRO A 419 4.74 13.67 13.67
CA PRO A 419 3.62 14.53 14.05
C PRO A 419 2.37 13.77 14.51
N SER A 420 1.50 14.46 15.27
CA SER A 420 0.20 13.93 15.66
C SER A 420 -0.78 15.09 15.85
N PHE A 421 -2.08 14.79 15.74
CA PHE A 421 -3.09 15.82 15.50
C PHE A 421 -4.07 15.89 16.66
N THR A 422 -3.75 16.70 17.68
CA THR A 422 -4.57 16.86 18.87
C THR A 422 -5.39 18.15 18.78
N VAL A 423 -6.27 18.35 19.77
CA VAL A 423 -7.10 19.55 19.87
C VAL A 423 -6.23 20.72 20.30
N GLN A 424 -5.14 20.44 21.02
CA GLN A 424 -4.13 21.44 21.34
C GLN A 424 -3.43 21.87 20.05
N GLY A 425 -3.31 20.91 19.12
CA GLY A 425 -2.84 21.18 17.77
C GLY A 425 -1.82 20.13 17.31
N THR A 426 -1.17 20.43 16.18
CA THR A 426 -0.17 19.53 15.62
C THR A 426 1.05 19.51 16.54
N GLN A 427 1.46 18.30 16.95
CA GLN A 427 2.57 18.11 17.87
C GLN A 427 3.83 17.74 17.09
N ASN A 428 4.99 18.08 17.66
CA ASN A 428 6.30 17.75 17.10
C ASN A 428 6.44 18.30 15.68
N TRP A 429 5.77 19.43 15.42
CA TRP A 429 5.77 20.06 14.11
C TRP A 429 6.07 21.55 14.28
N ASN A 430 7.32 21.91 14.01
CA ASN A 430 7.76 23.30 14.09
C ASN A 430 8.01 23.81 12.68
N LEU A 431 8.49 25.05 12.59
CA LEU A 431 8.60 25.74 11.31
C LEU A 431 9.82 25.24 10.55
N ASN A 432 10.81 24.68 11.27
CA ASN A 432 12.01 24.13 10.66
C ASN A 432 11.69 22.86 9.87
N ARG A 433 10.88 21.99 10.48
CA ARG A 433 10.59 20.68 9.90
C ARG A 433 9.77 20.82 8.64
N LEU A 434 8.97 21.90 8.55
CA LEU A 434 8.17 22.18 7.37
C LEU A 434 9.07 22.59 6.19
N GLN A 435 10.01 23.50 6.44
CA GLN A 435 10.93 23.97 5.40
C GLN A 435 11.77 22.80 4.90
N ALA A 436 12.30 22.00 5.82
CA ALA A 436 13.13 20.85 5.48
C ALA A 436 12.32 19.84 4.68
N ALA A 437 11.06 19.63 5.10
CA ALA A 437 10.17 18.69 4.43
C ALA A 437 9.68 19.26 3.11
N HIS A 438 9.64 20.60 2.98
CA HIS A 438 9.26 21.25 1.74
C HIS A 438 10.36 21.07 0.70
N LEU A 439 11.63 21.02 1.15
CA LEU A 439 12.76 20.81 0.26
C LEU A 439 12.66 19.44 -0.39
N ARG A 440 12.43 18.41 0.44
CA ARG A 440 12.37 17.03 -0.02
C ARG A 440 11.30 16.90 -1.10
N LEU A 441 10.12 17.48 -0.84
CA LEU A 441 9.00 17.40 -1.77
C LEU A 441 9.33 18.08 -3.10
N GLN A 442 10.15 19.15 -3.05
CA GLN A 442 10.59 19.83 -4.26
C GLN A 442 11.59 18.96 -5.00
N VAL A 443 12.60 18.47 -4.27
CA VAL A 443 13.65 17.64 -4.83
C VAL A 443 13.05 16.39 -5.48
N GLN A 444 11.99 15.86 -4.86
CA GLN A 444 11.39 14.60 -5.30
C GLN A 444 10.37 14.83 -6.43
N GLY A 445 10.20 16.09 -6.86
CA GLY A 445 9.47 16.40 -8.08
C GLY A 445 7.99 16.71 -7.86
N TYR A 446 7.66 17.23 -6.66
CA TYR A 446 6.31 17.65 -6.32
C TYR A 446 6.27 19.18 -6.18
N VAL A 447 5.05 19.74 -6.31
CA VAL A 447 4.81 21.16 -6.09
C VAL A 447 3.60 21.31 -5.16
N PHE A 448 3.55 22.42 -4.43
CA PHE A 448 2.41 22.72 -3.58
C PHE A 448 1.20 23.01 -4.49
N ALA A 449 0.06 22.39 -4.16
CA ALA A 449 -1.15 22.52 -4.94
C ALA A 449 -2.18 23.37 -4.21
N GLY A 450 -2.17 23.31 -2.87
CA GLY A 450 -3.11 24.05 -2.06
C GLY A 450 -3.23 23.52 -0.62
N TYR A 451 -3.95 24.31 0.21
CA TYR A 451 -4.23 23.96 1.59
C TYR A 451 -5.46 23.06 1.64
N HIS A 452 -5.45 22.11 2.60
CA HIS A 452 -6.58 21.23 2.82
C HIS A 452 -6.93 21.24 4.32
N GLY A 453 -8.21 21.49 4.62
CA GLY A 453 -8.73 21.40 5.97
C GLY A 453 -9.48 20.09 6.22
N THR A 454 -9.11 19.39 7.29
CA THR A 454 -9.70 18.11 7.64
C THR A 454 -9.77 17.98 9.17
N SER A 455 -10.48 16.94 9.64
CA SER A 455 -10.57 16.63 11.06
C SER A 455 -9.24 16.09 11.57
N LEU A 456 -9.13 15.92 12.89
CA LEU A 456 -7.91 15.40 13.48
C LEU A 456 -7.62 14.00 12.94
N GLU A 457 -8.66 13.15 12.90
CA GLU A 457 -8.51 11.77 12.47
C GLU A 457 -8.37 11.72 10.95
N GLY A 458 -9.00 12.69 10.25
CA GLY A 458 -8.82 12.85 8.82
C GLY A 458 -7.36 13.12 8.45
N ALA A 459 -6.65 13.84 9.33
CA ALA A 459 -5.25 14.19 9.10
C ALA A 459 -4.36 12.95 9.24
N GLN A 460 -4.56 12.15 10.30
CA GLN A 460 -3.76 10.95 10.49
C GLN A 460 -3.97 10.02 9.30
N SER A 461 -5.21 9.97 8.80
CA SER A 461 -5.57 9.17 7.64
C SER A 461 -4.76 9.60 6.42
N ILE A 462 -4.78 10.91 6.13
CA ILE A 462 -4.23 11.45 4.90
C ILE A 462 -2.70 11.40 4.93
N VAL A 463 -2.11 11.88 6.02
CA VAL A 463 -0.68 12.09 6.07
C VAL A 463 0.06 10.76 6.19
N PHE A 464 -0.47 9.82 6.99
CA PHE A 464 0.23 8.59 7.29
C PHE A 464 -0.30 7.43 6.46
N GLY A 465 -1.63 7.33 6.32
CA GLY A 465 -2.23 6.28 5.51
C GLY A 465 -2.19 6.59 4.02
N GLY A 466 -2.11 7.88 3.68
CA GLY A 466 -2.12 8.32 2.30
C GLY A 466 -3.50 8.81 1.87
N ILE A 467 -3.52 9.65 0.82
CA ILE A 467 -4.74 10.23 0.28
C ILE A 467 -5.48 9.18 -0.52
N HIS A 468 -6.55 8.63 0.06
CA HIS A 468 -7.34 7.61 -0.60
C HIS A 468 -8.76 8.13 -0.82
N ASN A 469 -9.38 7.67 -1.91
CA ASN A 469 -10.71 8.09 -2.30
C ASN A 469 -11.73 7.60 -1.27
N ARG A 470 -12.72 8.45 -0.99
CA ARG A 470 -13.76 8.21 0.00
C ARG A 470 -15.09 8.62 -0.62
N GLN A 471 -16.19 8.00 -0.18
CA GLN A 471 -17.50 8.45 -0.63
C GLN A 471 -17.70 9.87 -0.11
N GLN A 472 -18.47 10.68 -0.86
CA GLN A 472 -18.76 12.05 -0.49
C GLN A 472 -20.18 12.40 -0.92
N ASP A 473 -20.85 13.25 -0.13
CA ASP A 473 -22.17 13.76 -0.47
C ASP A 473 -22.00 14.89 -1.49
N LEU A 474 -21.60 14.52 -2.71
CA LEU A 474 -21.28 15.47 -3.76
C LEU A 474 -21.80 14.93 -5.09
N GLU A 475 -22.32 15.83 -5.93
CA GLU A 475 -22.61 15.50 -7.32
C GLU A 475 -21.44 14.64 -7.82
N GLU A 476 -21.77 13.49 -8.43
CA GLU A 476 -20.75 12.54 -8.84
C GLU A 476 -19.67 13.22 -9.68
N ILE A 477 -20.07 14.25 -10.43
CA ILE A 477 -19.19 14.95 -11.38
C ILE A 477 -18.10 15.74 -10.65
N TRP A 478 -18.45 16.37 -9.52
CA TRP A 478 -17.55 17.27 -8.82
C TRP A 478 -16.74 16.54 -7.74
N ARG A 479 -16.63 15.21 -7.85
CA ARG A 479 -15.88 14.43 -6.89
C ARG A 479 -14.38 14.72 -7.04
N GLY A 480 -13.69 14.73 -5.91
CA GLY A 480 -12.27 14.99 -5.84
C GLY A 480 -11.87 15.50 -4.46
N LEU A 481 -10.56 15.53 -4.19
CA LEU A 481 -10.03 16.17 -3.01
C LEU A 481 -10.03 17.67 -3.24
N TYR A 482 -10.61 18.43 -2.30
CA TYR A 482 -10.70 19.88 -2.41
C TYR A 482 -9.54 20.52 -1.67
N VAL A 483 -8.87 21.48 -2.33
CA VAL A 483 -7.84 22.28 -1.69
C VAL A 483 -8.05 23.74 -2.08
N ALA A 484 -7.20 24.63 -1.59
CA ALA A 484 -7.34 26.06 -1.87
C ALA A 484 -6.02 26.79 -1.68
N GLY A 485 -5.70 27.66 -2.63
CA GLY A 485 -4.54 28.53 -2.51
C GLY A 485 -4.61 29.36 -1.23
N ASP A 486 -5.79 29.95 -0.97
CA ASP A 486 -5.99 30.81 0.18
C ASP A 486 -6.34 29.96 1.40
N PRO A 487 -5.48 29.94 2.46
CA PRO A 487 -5.73 29.11 3.64
C PRO A 487 -7.11 29.33 4.24
N ALA A 488 -7.59 30.57 4.16
CA ALA A 488 -8.91 30.95 4.66
C ALA A 488 -9.99 29.97 4.20
N LEU A 489 -9.93 29.54 2.93
CA LEU A 489 -10.95 28.66 2.38
C LEU A 489 -10.81 27.25 2.96
N ALA A 490 -9.57 26.74 3.04
CA ALA A 490 -9.31 25.42 3.59
C ALA A 490 -9.69 25.40 5.07
N TYR A 491 -9.28 26.45 5.80
CA TYR A 491 -9.50 26.56 7.24
C TYR A 491 -10.97 26.37 7.62
N GLY A 492 -11.89 26.71 6.70
CA GLY A 492 -13.30 26.47 6.92
C GLY A 492 -13.63 25.01 7.23
N TYR A 493 -12.80 24.09 6.73
CA TYR A 493 -13.06 22.65 6.82
C TYR A 493 -12.07 21.95 7.75
N ALA A 494 -11.35 22.73 8.58
CA ALA A 494 -10.33 22.18 9.46
C ALA A 494 -10.94 21.84 10.82
N GLN A 495 -11.89 20.90 10.81
CA GLN A 495 -12.69 20.57 11.97
C GLN A 495 -13.50 19.31 11.68
N ASP A 496 -14.08 18.72 12.73
CA ASP A 496 -15.02 17.62 12.57
C ASP A 496 -16.12 18.07 11.62
N ALA A 497 -16.54 17.16 10.72
CA ALA A 497 -17.44 17.50 9.63
C ALA A 497 -18.80 17.96 10.17
N GLU A 498 -19.18 17.43 11.34
CA GLU A 498 -20.39 17.82 12.04
C GLU A 498 -20.22 17.58 13.54
N GLY A 499 -21.24 17.97 14.32
CA GLY A 499 -21.20 17.88 15.76
C GLY A 499 -21.61 16.50 16.28
N ASP A 500 -21.21 16.22 17.53
CA ASP A 500 -21.54 14.97 18.20
C ASP A 500 -22.97 15.06 18.73
N GLU A 501 -23.30 14.26 19.75
CA GLU A 501 -24.68 14.19 20.26
C GLU A 501 -24.98 15.43 21.10
N ARG A 502 -23.95 16.06 21.67
CA ARG A 502 -24.08 17.33 22.37
C ARG A 502 -24.03 18.49 21.37
N GLY A 503 -23.54 18.22 20.16
CA GLY A 503 -23.43 19.22 19.11
C GLY A 503 -22.07 19.90 19.06
N ARG A 504 -21.08 19.34 19.77
CA ARG A 504 -19.74 19.86 19.80
C ARG A 504 -19.01 19.56 18.48
N ILE A 505 -18.34 20.59 17.95
CA ILE A 505 -17.48 20.46 16.78
C ILE A 505 -16.05 20.79 17.21
N ARG A 506 -15.16 19.79 17.17
CA ARG A 506 -13.77 20.00 17.57
C ARG A 506 -13.01 20.69 16.44
N ASN A 507 -11.95 21.40 16.85
CA ASN A 507 -10.97 21.95 15.93
C ASN A 507 -10.30 20.79 15.19
N GLY A 508 -9.82 21.07 13.98
CA GLY A 508 -9.19 20.06 13.13
C GLY A 508 -7.74 20.41 12.85
N THR A 509 -7.30 20.11 11.62
CA THR A 509 -5.92 20.27 11.22
C THR A 509 -5.83 20.82 9.80
N MET A 510 -4.87 21.73 9.59
CA MET A 510 -4.61 22.32 8.29
C MET A 510 -3.47 21.56 7.63
N LEU A 511 -3.73 21.06 6.41
CA LEU A 511 -2.77 20.27 5.67
C LEU A 511 -2.36 21.01 4.39
N ARG A 512 -1.16 20.68 3.90
CA ARG A 512 -0.63 21.18 2.63
C ARG A 512 -0.55 20.04 1.63
N VAL A 513 -1.39 20.08 0.58
CA VAL A 513 -1.37 19.05 -0.46
C VAL A 513 -0.33 19.40 -1.51
N TYR A 514 0.48 18.41 -1.90
CA TYR A 514 1.42 18.54 -3.01
C TYR A 514 1.09 17.52 -4.10
N VAL A 515 1.08 17.98 -5.36
CA VAL A 515 0.91 17.11 -6.51
C VAL A 515 2.25 17.00 -7.23
N PRO A 516 2.46 15.96 -8.08
CA PRO A 516 3.71 15.80 -8.81
C PRO A 516 3.89 16.84 -9.93
N ARG A 517 5.14 17.33 -10.09
CA ARG A 517 5.46 18.33 -11.10
C ARG A 517 5.00 17.85 -12.48
N SER A 518 5.18 16.56 -12.75
CA SER A 518 4.85 15.99 -14.05
C SER A 518 3.38 16.14 -14.39
N ALA A 519 2.56 16.63 -13.44
CA ALA A 519 1.12 16.79 -13.65
C ALA A 519 0.77 18.21 -14.07
N LEU A 520 1.75 19.12 -14.02
CA LEU A 520 1.53 20.56 -14.19
C LEU A 520 0.70 20.86 -15.44
N PRO A 521 0.98 20.24 -16.61
CA PRO A 521 0.11 20.42 -17.79
C PRO A 521 -1.37 20.12 -17.57
N ARG A 522 -1.70 19.33 -16.55
CA ARG A 522 -3.07 18.88 -16.34
C ARG A 522 -3.76 19.66 -15.22
N LEU A 523 -3.11 20.70 -14.67
CA LEU A 523 -3.72 21.54 -13.64
C LEU A 523 -4.43 22.72 -14.30
N PHE A 524 -5.73 22.56 -14.57
CA PHE A 524 -6.47 23.52 -15.37
C PHE A 524 -7.09 24.60 -14.48
N ALA A 525 -7.48 25.71 -15.13
CA ALA A 525 -8.09 26.84 -14.45
C ALA A 525 -9.12 27.51 -15.36
N THR A 526 -10.27 27.83 -14.76
CA THR A 526 -11.33 28.59 -15.43
C THR A 526 -11.65 29.83 -14.60
N SER A 527 -12.21 30.84 -15.27
CA SER A 527 -12.67 32.05 -14.62
C SER A 527 -14.15 31.92 -14.25
N LEU A 528 -14.81 30.89 -14.80
CA LEU A 528 -16.24 30.67 -14.63
C LEU A 528 -16.49 30.05 -13.25
N PRO A 529 -17.49 30.54 -12.47
CA PRO A 529 -17.82 29.92 -11.18
C PRO A 529 -18.11 28.42 -11.33
N LEU A 530 -17.74 27.63 -10.31
CA LEU A 530 -17.92 26.19 -10.36
C LEU A 530 -19.38 25.83 -10.10
N ASP A 531 -20.16 26.76 -9.54
CA ASP A 531 -21.59 26.56 -9.36
C ASP A 531 -22.36 27.10 -10.56
N HIS A 532 -21.66 27.73 -11.52
CA HIS A 532 -22.29 28.24 -12.72
C HIS A 532 -22.81 27.05 -13.53
N PRO A 533 -24.08 27.08 -14.00
CA PRO A 533 -24.65 25.99 -14.80
C PRO A 533 -23.69 25.37 -15.83
N GLY A 534 -23.07 26.22 -16.65
CA GLY A 534 -22.18 25.77 -17.72
C GLY A 534 -20.76 25.47 -17.24
N ALA A 535 -20.59 25.16 -15.95
CA ALA A 535 -19.30 24.80 -15.41
C ALA A 535 -18.89 23.42 -15.94
N SER A 536 -19.80 22.45 -15.80
CA SER A 536 -19.53 21.05 -16.15
C SER A 536 -19.04 20.93 -17.59
N GLN A 537 -19.69 21.67 -18.50
CA GLN A 537 -19.38 21.58 -19.92
C GLN A 537 -18.04 22.25 -20.21
N GLU A 538 -17.79 23.39 -19.53
CA GLU A 538 -16.60 24.18 -19.76
C GLU A 538 -15.38 23.47 -19.20
N VAL A 539 -15.54 22.87 -18.01
CA VAL A 539 -14.47 22.14 -17.36
C VAL A 539 -14.18 20.85 -18.14
N ALA A 540 -15.22 20.28 -18.77
CA ALA A 540 -15.07 19.10 -19.62
C ALA A 540 -14.30 19.46 -20.90
N ARG A 541 -14.58 20.66 -21.43
CA ARG A 541 -13.93 21.15 -22.64
C ARG A 541 -12.43 21.33 -22.38
N LEU A 542 -12.09 21.70 -21.14
CA LEU A 542 -10.71 22.00 -20.77
C LEU A 542 -9.88 20.74 -20.63
N ILE A 543 -10.52 19.62 -20.26
CA ILE A 543 -9.78 18.42 -19.84
C ILE A 543 -9.84 17.33 -20.91
N GLY A 544 -10.80 17.42 -21.84
CA GLY A 544 -10.84 16.55 -23.01
C GLY A 544 -11.90 15.46 -22.91
N HIS A 545 -12.68 15.45 -21.82
CA HIS A 545 -13.70 14.45 -21.60
C HIS A 545 -14.76 15.01 -20.65
N PRO A 546 -15.97 14.41 -20.56
CA PRO A 546 -16.95 14.81 -19.55
C PRO A 546 -16.45 14.51 -18.13
N LEU A 547 -17.05 15.19 -17.15
CA LEU A 547 -16.72 14.97 -15.76
C LEU A 547 -17.16 13.56 -15.37
N PRO A 548 -16.54 12.89 -14.38
CA PRO A 548 -15.67 13.55 -13.39
C PRO A 548 -14.20 13.68 -13.75
N LEU A 549 -13.45 14.31 -12.84
CA LEU A 549 -12.04 14.62 -13.03
C LEU A 549 -11.19 13.37 -12.80
N LEU A 550 -10.38 13.02 -13.80
CA LEU A 550 -9.50 11.86 -13.71
C LEU A 550 -8.13 12.31 -13.20
N TYR A 551 -7.09 12.30 -14.05
CA TYR A 551 -5.77 12.75 -13.67
C TYR A 551 -5.57 14.21 -14.05
N GLU A 552 -6.33 15.09 -13.39
CA GLU A 552 -6.25 16.53 -13.61
C GLU A 552 -6.94 17.26 -12.47
N SER A 553 -6.56 18.53 -12.27
CA SER A 553 -7.19 19.41 -11.29
C SER A 553 -8.04 20.45 -12.01
N ILE A 554 -8.82 21.21 -11.23
CA ILE A 554 -9.54 22.37 -11.74
C ILE A 554 -9.55 23.42 -10.65
N THR A 555 -9.21 24.66 -11.03
CA THR A 555 -9.23 25.79 -10.11
C THR A 555 -10.20 26.84 -10.66
N GLY A 556 -11.19 27.22 -9.84
CA GLY A 556 -12.19 28.20 -10.24
C GLY A 556 -12.81 28.93 -9.06
N PRO A 557 -13.60 30.01 -9.31
CA PRO A 557 -14.37 30.67 -8.25
C PRO A 557 -15.31 29.73 -7.49
N GLU A 558 -15.25 29.79 -6.16
CA GLU A 558 -16.15 29.04 -5.29
C GLU A 558 -17.59 29.52 -5.49
N ALA A 559 -18.54 28.72 -5.00
CA ALA A 559 -19.96 28.98 -5.21
C ALA A 559 -20.36 30.28 -4.53
N ALA A 560 -21.37 30.95 -5.11
CA ALA A 560 -21.85 32.25 -4.67
C ALA A 560 -20.88 33.34 -5.12
N GLY A 561 -20.98 34.53 -4.49
CA GLY A 561 -20.07 35.64 -4.72
C GLY A 561 -18.62 35.18 -4.64
N GLY A 562 -18.28 34.53 -3.52
CA GLY A 562 -17.06 33.75 -3.38
C GLY A 562 -15.83 34.48 -3.94
N ASN A 563 -15.08 35.11 -3.03
CA ASN A 563 -13.95 35.94 -3.42
C ASN A 563 -12.64 35.15 -3.46
N ARG A 564 -12.71 33.80 -3.52
CA ARG A 564 -11.52 32.96 -3.49
C ARG A 564 -11.63 31.81 -4.48
N LEU A 565 -10.49 31.18 -4.76
CA LEU A 565 -10.39 30.08 -5.72
C LEU A 565 -10.29 28.74 -5.00
N ALA A 566 -11.12 27.80 -5.44
CA ALA A 566 -11.13 26.44 -4.92
C ALA A 566 -10.59 25.48 -5.98
N THR A 567 -9.58 24.70 -5.61
CA THR A 567 -9.00 23.69 -6.47
C THR A 567 -9.61 22.33 -6.14
N ILE A 568 -10.17 21.65 -7.16
CA ILE A 568 -10.60 20.28 -7.04
C ILE A 568 -9.60 19.38 -7.75
N LEU A 569 -8.94 18.51 -6.98
CA LEU A 569 -8.09 17.47 -7.53
C LEU A 569 -8.97 16.27 -7.87
N GLY A 570 -8.93 15.82 -9.14
CA GLY A 570 -9.44 14.51 -9.48
C GLY A 570 -8.76 13.44 -8.64
N TRP A 571 -9.50 12.36 -8.34
CA TRP A 571 -9.03 11.37 -7.38
C TRP A 571 -7.80 10.65 -7.89
N GLN A 572 -7.76 10.36 -9.21
CA GLN A 572 -6.62 9.69 -9.80
C GLN A 572 -5.35 10.52 -9.57
N LEU A 573 -5.48 11.84 -9.69
CA LEU A 573 -4.40 12.76 -9.38
C LEU A 573 -4.18 12.80 -7.87
N ALA A 574 -5.28 12.90 -7.12
CA ALA A 574 -5.23 13.00 -5.67
C ALA A 574 -4.48 11.82 -5.05
N GLU A 575 -4.71 10.61 -5.59
CA GLU A 575 -4.14 9.40 -5.04
C GLU A 575 -2.63 9.35 -5.30
N GLN A 576 -2.14 10.15 -6.27
CA GLN A 576 -0.71 10.33 -6.47
C GLN A 576 -0.22 11.55 -5.67
N ALA A 577 -1.16 12.37 -5.18
CA ALA A 577 -0.81 13.55 -4.40
C ALA A 577 -0.38 13.15 -2.99
N VAL A 578 0.31 14.09 -2.32
CA VAL A 578 0.88 13.88 -1.00
C VAL A 578 0.50 15.09 -0.13
N ALA A 579 0.36 14.88 1.18
CA ALA A 579 -0.04 15.94 2.09
C ALA A 579 0.84 15.93 3.35
N ILE A 580 1.28 17.12 3.77
CA ILE A 580 2.02 17.28 5.03
C ILE A 580 1.29 18.29 5.92
N PRO A 581 1.59 18.33 7.24
CA PRO A 581 0.95 19.28 8.14
C PRO A 581 1.38 20.72 7.90
N SER A 582 0.40 21.63 7.84
CA SER A 582 0.67 23.06 7.85
C SER A 582 1.14 23.50 9.23
N MET A 583 1.72 24.70 9.32
CA MET A 583 2.06 25.29 10.59
C MET A 583 0.97 26.29 11.00
N ILE A 584 -0.03 26.49 10.13
CA ILE A 584 -1.19 27.31 10.43
C ILE A 584 -2.07 26.55 11.41
N PRO A 585 -2.12 26.94 12.70
CA PRO A 585 -2.90 26.19 13.69
C PRO A 585 -4.39 26.49 13.61
N THR A 586 -5.20 25.46 13.91
CA THR A 586 -6.58 25.66 14.32
C THR A 586 -6.56 25.96 15.82
N ASN A 587 -7.75 26.28 16.36
CA ASN A 587 -7.88 26.65 17.75
C ASN A 587 -9.22 26.14 18.28
N SER A 588 -9.19 25.58 19.50
CA SER A 588 -10.33 24.89 20.08
C SER A 588 -11.43 25.85 20.52
N ARG A 589 -11.08 27.14 20.67
CA ARG A 589 -11.98 28.12 21.26
C ARG A 589 -12.73 28.91 20.19
N THR A 590 -12.18 28.94 18.96
CA THR A 590 -12.66 29.85 17.93
C THR A 590 -13.37 29.10 16.80
N VAL A 591 -13.63 27.80 17.01
CA VAL A 591 -14.17 26.96 15.96
C VAL A 591 -15.45 27.59 15.41
N GLY A 592 -15.46 27.89 14.11
CA GLY A 592 -16.60 28.50 13.45
C GLY A 592 -16.28 29.92 12.94
N ASN A 593 -15.18 30.49 13.45
CA ASN A 593 -14.74 31.81 13.03
C ASN A 593 -13.97 31.69 11.72
N PRO A 594 -13.72 32.83 11.02
CA PRO A 594 -12.74 32.88 9.95
C PRO A 594 -11.32 32.72 10.46
N LEU A 595 -10.40 32.45 9.52
CA LEU A 595 -8.98 32.34 9.82
C LEU A 595 -8.43 33.72 10.14
N ASP A 596 -7.85 33.86 11.34
CA ASP A 596 -7.21 35.09 11.75
C ASP A 596 -5.84 35.16 11.07
N PRO A 597 -5.64 36.06 10.07
CA PRO A 597 -4.45 36.01 9.21
C PRO A 597 -3.13 36.33 9.90
N ALA A 598 -3.17 36.72 11.17
CA ALA A 598 -1.97 36.90 11.97
C ALA A 598 -1.24 35.56 12.14
N THR A 599 -2.02 34.47 12.19
CA THR A 599 -1.53 33.16 12.56
C THR A 599 -0.73 32.49 11.42
N VAL A 600 -0.88 32.99 10.18
CA VAL A 600 -0.20 32.43 9.02
C VAL A 600 1.18 33.07 8.89
N THR A 601 2.23 32.28 9.13
CA THR A 601 3.60 32.82 9.13
C THR A 601 3.99 33.24 7.72
N LEU A 602 4.94 34.18 7.63
CA LEU A 602 5.49 34.58 6.35
C LEU A 602 6.30 33.43 5.75
N GLU A 603 7.03 32.70 6.61
CA GLU A 603 7.92 31.64 6.18
C GLU A 603 7.16 30.61 5.34
N GLU A 604 5.95 30.25 5.82
CA GLU A 604 5.10 29.30 5.14
C GLU A 604 4.47 29.93 3.90
N LYS A 605 4.18 31.24 3.97
CA LYS A 605 3.63 31.96 2.82
C LYS A 605 4.59 31.92 1.64
N GLN A 606 5.91 31.88 1.93
CA GLN A 606 6.92 32.00 0.90
C GLN A 606 7.12 30.69 0.14
N ILE A 607 6.69 29.57 0.74
CA ILE A 607 6.81 28.27 0.10
C ILE A 607 5.50 27.90 -0.59
N SER A 608 4.45 28.73 -0.41
CA SER A 608 3.11 28.40 -0.87
C SER A 608 2.76 29.11 -2.18
N SER A 609 3.78 29.43 -2.99
CA SER A 609 3.50 29.89 -4.34
C SER A 609 2.75 28.76 -5.08
N LEU A 610 1.81 29.17 -5.94
CA LEU A 610 0.88 28.25 -6.57
C LEU A 610 1.40 27.85 -7.96
N PRO A 611 0.90 26.74 -8.52
CA PRO A 611 1.31 26.31 -9.86
C PRO A 611 0.77 27.22 -10.95
N GLY A 612 1.48 27.28 -12.08
CA GLY A 612 1.03 28.01 -13.26
C GLY A 612 -0.07 27.25 -14.00
N TYR A 613 -1.33 27.54 -13.64
CA TYR A 613 -2.48 26.83 -14.19
C TYR A 613 -2.60 27.08 -15.68
N ALA A 614 -3.16 26.11 -16.41
CA ALA A 614 -3.42 26.22 -17.83
C ALA A 614 -4.86 26.65 -18.05
N THR A 615 -5.08 27.43 -19.13
CA THR A 615 -6.39 27.99 -19.44
C THR A 615 -6.87 27.52 -20.81
N LYS A 616 -6.13 26.59 -21.42
CA LYS A 616 -6.48 26.08 -22.74
C LYS A 616 -6.35 24.56 -22.74
N PRO A 617 -7.34 23.83 -23.34
CA PRO A 617 -7.23 22.38 -23.48
C PRO A 617 -5.87 21.96 -24.04
N ALA A 618 -5.40 20.78 -23.61
CA ALA A 618 -4.16 20.22 -24.12
C ALA A 618 -4.31 19.89 -25.60
N LYS A 619 -3.20 19.49 -26.24
CA LYS A 619 -3.18 19.23 -27.67
C LYS A 619 -3.87 17.91 -27.98
N ASP A 620 -4.32 17.77 -29.24
CA ASP A 620 -5.04 16.59 -29.70
C ASP A 620 -4.47 16.15 -31.06
CA CA B . 20.34 -1.87 -1.38
#